data_1KGD
#
_entry.id   1KGD
#
_cell.length_a   70.341
_cell.length_b   70.341
_cell.length_c   74.861
_cell.angle_alpha   90.00
_cell.angle_beta   90.00
_cell.angle_gamma   120.00
#
_symmetry.space_group_name_H-M   'P 32 2 1'
#
loop_
_entity.id
_entity.type
_entity.pdbx_description
1 polymer 'PERIPHERAL PLASMA MEMBRANE CASK'
2 non-polymer 'FORMIC ACID'
3 water water
#
_entity_poly.entity_id   1
_entity_poly.type   'polypeptide(L)'
_entity_poly.pdbx_seq_one_letter_code
;GSHMRKTLVLLGAHGVGRRHIKNTLITKHPDRFAYPIPHTTRPPKKDEENGKNYYFVSHDQMMQDISNNEYLEYGSHEDA
MYGTKLETIRKIHEQGLIAILDVEPQALKVLRTAEFAPFVVFIAAPTITPGLNEDESLQRLQKESDILQRTYAHYFDLTI
INNEIDETIRHLEEAVELVC
;
_entity_poly.pdbx_strand_id   A
#
loop_
_chem_comp.id
_chem_comp.type
_chem_comp.name
_chem_comp.formula
FMT non-polymer 'FORMIC ACID' 'C H2 O2'
#
# COMPACT_ATOMS: atom_id res chain seq x y z
N HIS A 3 -6.57 17.63 4.81
CA HIS A 3 -7.06 16.25 4.76
C HIS A 3 -7.30 15.65 6.15
N MET A 4 -8.49 15.11 6.35
CA MET A 4 -8.80 14.42 7.60
C MET A 4 -8.14 13.06 7.57
N ARG A 5 -8.29 12.36 6.44
CA ARG A 5 -7.61 11.08 6.22
C ARG A 5 -6.52 11.38 5.21
N LYS A 6 -5.30 10.98 5.55
CA LYS A 6 -4.12 11.34 4.76
C LYS A 6 -3.47 10.17 4.06
N THR A 7 -3.93 8.96 4.36
CA THR A 7 -3.33 7.75 3.82
C THR A 7 -4.43 6.81 3.38
N LEU A 8 -4.33 6.37 2.13
CA LEU A 8 -5.26 5.38 1.62
C LEU A 8 -4.53 4.04 1.69
N VAL A 9 -5.00 3.18 2.59
CA VAL A 9 -4.39 1.87 2.77
C VAL A 9 -5.22 0.85 2.00
N LEU A 10 -4.59 0.16 1.07
CA LEU A 10 -5.26 -0.90 0.30
C LEU A 10 -4.79 -2.25 0.81
N LEU A 11 -5.71 -2.96 1.47
CA LEU A 11 -5.44 -4.32 1.93
C LEU A 11 -6.02 -5.27 0.90
N GLY A 12 -5.41 -6.43 0.77
CA GLY A 12 -5.90 -7.41 -0.19
C GLY A 12 -4.89 -8.48 -0.47
N ALA A 13 -5.36 -9.57 -1.06
CA ALA A 13 -4.49 -10.68 -1.42
C ALA A 13 -3.53 -10.25 -2.53
N HIS A 14 -2.35 -10.86 -2.53
CA HIS A 14 -1.38 -10.58 -3.57
C HIS A 14 -1.97 -10.97 -4.92
N GLY A 15 -1.91 -10.03 -5.86
CA GLY A 15 -2.46 -10.25 -7.18
C GLY A 15 -3.92 -9.86 -7.39
N VAL A 16 -4.56 -9.31 -6.35
CA VAL A 16 -5.97 -8.94 -6.48
C VAL A 16 -6.17 -7.70 -7.35
N GLY A 17 -5.09 -6.96 -7.62
CA GLY A 17 -5.17 -5.79 -8.48
C GLY A 17 -4.76 -4.49 -7.82
N ARG A 18 -4.29 -4.55 -6.57
CA ARG A 18 -3.92 -3.30 -5.88
C ARG A 18 -2.81 -2.52 -6.56
N ARG A 19 -1.88 -3.20 -7.22
CA ARG A 19 -0.79 -2.49 -7.89
C ARG A 19 -1.31 -1.70 -9.08
N HIS A 20 -2.17 -2.31 -9.87
CA HIS A 20 -2.81 -1.59 -10.97
C HIS A 20 -3.66 -0.44 -10.46
N ILE A 21 -4.42 -0.68 -9.40
CA ILE A 21 -5.29 0.34 -8.84
C ILE A 21 -4.48 1.53 -8.33
N LYS A 22 -3.44 1.24 -7.54
CA LYS A 22 -2.59 2.28 -7.00
C LYS A 22 -1.91 3.10 -8.10
N ASN A 23 -1.30 2.41 -9.05
CA ASN A 23 -0.59 3.13 -10.11
C ASN A 23 -1.55 3.93 -10.97
N THR A 24 -2.73 3.38 -11.23
CA THR A 24 -3.71 4.11 -12.02
C THR A 24 -4.22 5.35 -11.29
N LEU A 25 -4.49 5.24 -10.00
CA LEU A 25 -4.95 6.42 -9.27
C LEU A 25 -3.93 7.54 -9.27
N ILE A 26 -2.66 7.20 -9.08
CA ILE A 26 -1.61 8.22 -9.07
C ILE A 26 -1.40 8.81 -10.47
N THR A 27 -1.41 7.97 -11.50
CA THR A 27 -1.23 8.43 -12.87
C THR A 27 -2.37 9.36 -13.29
N LYS A 28 -3.58 9.01 -12.87
N LYS A 28 -3.58 9.01 -12.87
CA LYS A 28 -4.77 9.80 -13.15
CA LYS A 28 -4.77 9.80 -13.15
C LYS A 28 -4.75 11.13 -12.43
C LYS A 28 -4.75 11.13 -12.43
N HIS A 29 -4.45 11.06 -11.13
CA HIS A 29 -4.47 12.23 -10.25
C HIS A 29 -3.16 12.43 -9.50
N PRO A 30 -2.10 12.79 -10.21
CA PRO A 30 -0.80 12.95 -9.57
C PRO A 30 -0.75 14.18 -8.68
N ASP A 31 -1.78 15.02 -8.78
CA ASP A 31 -1.92 16.18 -7.91
C ASP A 31 -2.69 15.84 -6.64
N ARG A 32 -3.10 14.58 -6.48
N ARG A 32 -3.10 14.58 -6.48
CA ARG A 32 -3.87 14.15 -5.32
CA ARG A 32 -3.87 14.15 -5.32
C ARG A 32 -3.21 13.03 -4.54
C ARG A 32 -3.21 13.03 -4.54
N PHE A 33 -2.64 12.05 -5.25
CA PHE A 33 -2.04 10.87 -4.62
C PHE A 33 -0.55 10.72 -4.90
N ALA A 34 0.16 10.07 -3.98
CA ALA A 34 1.56 9.72 -4.21
C ALA A 34 1.86 8.41 -3.49
N TYR A 35 2.90 7.72 -3.95
CA TYR A 35 3.33 6.45 -3.37
C TYR A 35 4.70 6.62 -2.72
N PRO A 36 4.84 6.25 -1.45
CA PRO A 36 6.14 6.36 -0.78
C PRO A 36 7.10 5.29 -1.28
N ILE A 37 8.16 5.69 -1.96
CA ILE A 37 9.13 4.72 -2.47
C ILE A 37 9.89 4.09 -1.31
N PRO A 38 10.35 2.86 -1.52
CA PRO A 38 11.08 2.16 -0.47
C PRO A 38 12.54 2.56 -0.33
N HIS A 39 13.08 2.24 0.84
CA HIS A 39 14.51 2.32 1.10
C HIS A 39 15.06 0.93 0.84
N THR A 40 16.32 0.85 0.44
CA THR A 40 16.93 -0.45 0.22
C THR A 40 18.42 -0.43 0.53
N THR A 41 18.94 -1.59 0.94
CA THR A 41 20.37 -1.72 1.20
C THR A 41 21.07 -2.31 -0.02
N ARG A 42 20.33 -2.52 -1.09
CA ARG A 42 20.92 -3.00 -2.32
C ARG A 42 21.73 -1.89 -2.96
N PRO A 43 23.00 -2.14 -3.24
CA PRO A 43 23.85 -1.15 -3.89
C PRO A 43 23.22 -0.64 -5.18
N PRO A 44 23.21 0.68 -5.38
CA PRO A 44 22.63 1.29 -6.57
C PRO A 44 23.41 0.93 -7.84
N GLU A 48 20.82 5.11 -11.16
CA GLU A 48 19.76 4.76 -10.24
C GLU A 48 19.05 6.01 -9.73
N GLU A 49 19.84 6.96 -9.25
CA GLU A 49 19.33 8.22 -8.72
C GLU A 49 18.61 8.02 -7.38
N ASN A 50 19.27 8.45 -6.31
CA ASN A 50 18.70 8.34 -4.98
C ASN A 50 17.44 9.17 -4.88
N GLY A 51 16.33 8.54 -4.50
CA GLY A 51 15.07 9.24 -4.38
C GLY A 51 14.16 9.12 -5.58
N LYS A 52 14.59 8.38 -6.60
CA LYS A 52 13.76 8.20 -7.79
C LYS A 52 12.81 7.02 -7.59
N ASN A 53 13.36 5.82 -7.53
CA ASN A 53 12.56 4.63 -7.27
C ASN A 53 12.88 4.03 -5.91
N TYR A 54 14.06 4.35 -5.40
CA TYR A 54 14.49 3.88 -4.09
C TYR A 54 15.34 4.92 -3.40
N TYR A 55 15.37 4.86 -2.08
CA TYR A 55 16.34 5.59 -1.28
C TYR A 55 17.36 4.53 -0.89
N PHE A 56 18.65 4.83 -1.07
CA PHE A 56 19.72 3.87 -0.78
C PHE A 56 20.30 4.13 0.60
N VAL A 57 20.36 3.09 1.41
N VAL A 57 20.36 3.09 1.41
N VAL A 57 20.36 3.09 1.41
CA VAL A 57 20.85 3.20 2.78
CA VAL A 57 20.85 3.20 2.78
CA VAL A 57 20.85 3.20 2.78
C VAL A 57 21.73 2.02 3.15
C VAL A 57 21.73 2.02 3.15
C VAL A 57 21.73 2.02 3.15
N SER A 58 22.65 2.23 4.08
CA SER A 58 23.53 1.15 4.51
C SER A 58 22.74 0.16 5.36
N HIS A 59 23.22 -1.08 5.43
CA HIS A 59 22.58 -2.09 6.26
C HIS A 59 22.51 -1.63 7.71
N ASP A 60 23.62 -1.14 8.24
CA ASP A 60 23.65 -0.70 9.63
C ASP A 60 22.70 0.46 9.89
N GLN A 61 22.59 1.39 8.95
CA GLN A 61 21.69 2.51 9.16
C GLN A 61 20.24 2.05 9.14
N MET A 62 19.90 1.16 8.20
CA MET A 62 18.52 0.67 8.14
C MET A 62 18.17 -0.11 9.40
N MET A 63 19.10 -0.94 9.87
CA MET A 63 18.87 -1.72 11.08
C MET A 63 18.66 -0.81 12.29
N GLN A 64 19.46 0.24 12.39
CA GLN A 64 19.32 1.18 13.49
C GLN A 64 17.94 1.85 13.45
N ASP A 65 17.51 2.23 12.25
CA ASP A 65 16.22 2.90 12.09
C ASP A 65 15.04 1.98 12.38
N ILE A 66 15.14 0.72 11.95
CA ILE A 66 14.10 -0.26 12.23
C ILE A 66 13.97 -0.48 13.74
N SER A 67 15.11 -0.62 14.41
CA SER A 67 15.11 -0.83 15.85
C SER A 67 14.52 0.37 16.57
N ASN A 68 14.59 1.54 15.93
CA ASN A 68 14.01 2.76 16.48
C ASN A 68 12.60 2.97 15.97
N ASN A 69 12.01 1.92 15.42
CA ASN A 69 10.64 1.94 14.89
C ASN A 69 10.39 3.04 13.85
N GLU A 70 11.34 3.23 12.94
CA GLU A 70 11.19 4.25 11.91
C GLU A 70 10.63 3.68 10.61
N TYR A 71 10.41 2.36 10.57
CA TYR A 71 9.90 1.69 9.39
C TYR A 71 8.49 1.14 9.54
N LEU A 72 7.72 1.26 8.46
CA LEU A 72 6.37 0.75 8.41
C LEU A 72 6.38 -0.73 8.13
N GLU A 73 7.14 -1.12 7.10
CA GLU A 73 7.26 -2.50 6.67
C GLU A 73 8.68 -2.71 6.21
N TYR A 74 9.13 -3.96 6.21
CA TYR A 74 10.47 -4.29 5.74
C TYR A 74 10.59 -5.79 5.46
N GLY A 75 11.52 -6.12 4.57
CA GLY A 75 11.75 -7.52 4.19
C GLY A 75 13.07 -7.68 3.47
N SER A 76 13.47 -8.93 3.24
CA SER A 76 14.73 -9.22 2.58
C SER A 76 14.56 -9.89 1.22
N HIS A 77 15.50 -9.60 0.32
CA HIS A 77 15.50 -10.18 -1.02
C HIS A 77 16.91 -10.19 -1.59
N GLU A 78 17.42 -11.38 -1.87
CA GLU A 78 18.75 -11.54 -2.46
C GLU A 78 19.86 -10.83 -1.68
N ASP A 79 19.96 -11.14 -0.38
CA ASP A 79 20.99 -10.57 0.49
C ASP A 79 20.81 -9.07 0.76
N ALA A 80 19.73 -8.50 0.23
CA ALA A 80 19.45 -7.09 0.43
C ALA A 80 18.16 -6.88 1.21
N MET A 81 18.03 -5.70 1.81
N MET A 81 18.03 -5.70 1.81
CA MET A 81 16.83 -5.37 2.58
CA MET A 81 16.83 -5.37 2.58
C MET A 81 16.04 -4.25 1.92
C MET A 81 16.04 -4.25 1.92
N TYR A 82 14.73 -4.28 2.10
CA TYR A 82 13.85 -3.27 1.52
C TYR A 82 12.85 -2.88 2.59
N GLY A 83 12.44 -1.61 2.61
CA GLY A 83 11.48 -1.19 3.60
C GLY A 83 10.87 0.15 3.26
N THR A 84 9.70 0.42 3.84
CA THR A 84 9.05 1.71 3.64
C THR A 84 9.20 2.48 4.94
N LYS A 85 9.87 3.62 4.86
CA LYS A 85 10.15 4.43 6.04
C LYS A 85 8.98 5.37 6.30
N LEU A 86 8.64 5.55 7.57
CA LEU A 86 7.56 6.45 7.95
C LEU A 86 7.84 7.87 7.46
N GLU A 87 9.10 8.28 7.52
CA GLU A 87 9.48 9.61 7.06
C GLU A 87 9.06 9.85 5.61
N THR A 88 9.13 8.82 4.79
CA THR A 88 8.76 8.97 3.38
C THR A 88 7.28 9.31 3.26
N ILE A 89 6.46 8.68 4.10
CA ILE A 89 5.03 8.96 4.11
C ILE A 89 4.78 10.40 4.61
N ARG A 90 5.55 10.80 5.63
CA ARG A 90 5.43 12.15 6.17
C ARG A 90 5.69 13.20 5.08
N LYS A 91 6.68 12.95 4.23
N LYS A 91 6.68 12.95 4.23
CA LYS A 91 7.01 13.87 3.15
CA LYS A 91 7.01 13.87 3.15
C LYS A 91 5.82 14.07 2.20
C LYS A 91 5.82 14.07 2.20
N ILE A 92 5.11 12.98 1.91
CA ILE A 92 3.95 13.05 1.04
C ILE A 92 2.88 13.91 1.70
N HIS A 93 2.62 13.66 2.98
CA HIS A 93 1.61 14.40 3.72
C HIS A 93 1.94 15.89 3.82
N GLU A 94 3.23 16.20 4.00
CA GLU A 94 3.65 17.59 4.13
C GLU A 94 3.39 18.37 2.85
N GLN A 95 3.27 17.67 1.73
CA GLN A 95 2.99 18.30 0.45
C GLN A 95 1.49 18.36 0.17
N GLY A 96 0.68 17.93 1.12
CA GLY A 96 -0.76 17.97 0.95
C GLY A 96 -1.29 16.86 0.05
N LEU A 97 -0.51 15.80 -0.12
CA LEU A 97 -0.94 14.67 -0.94
C LEU A 97 -1.39 13.50 -0.06
N ILE A 98 -2.18 12.62 -0.65
CA ILE A 98 -2.64 11.40 0.01
C ILE A 98 -1.71 10.26 -0.36
N ALA A 99 -1.11 9.62 0.65
CA ALA A 99 -0.23 8.49 0.38
C ALA A 99 -1.04 7.23 0.15
N ILE A 100 -0.73 6.48 -0.90
CA ILE A 100 -1.37 5.18 -1.12
C ILE A 100 -0.42 4.08 -0.74
N LEU A 101 -0.89 3.19 0.13
CA LEU A 101 -0.08 2.11 0.66
C LEU A 101 -0.74 0.77 0.46
N ASP A 102 -0.18 -0.06 -0.41
CA ASP A 102 -0.66 -1.43 -0.58
C ASP A 102 0.20 -2.31 0.31
N VAL A 103 -0.32 -2.59 1.51
CA VAL A 103 0.47 -3.25 2.53
C VAL A 103 -0.29 -4.40 3.19
N GLU A 104 0.40 -5.12 4.06
CA GLU A 104 -0.20 -6.19 4.84
C GLU A 104 -0.83 -5.56 6.07
N PRO A 105 -1.84 -6.22 6.65
CA PRO A 105 -2.53 -5.64 7.82
C PRO A 105 -1.61 -5.27 8.98
N GLN A 106 -0.49 -5.97 9.12
CA GLN A 106 0.47 -5.69 10.20
C GLN A 106 0.93 -4.23 10.21
N ALA A 107 0.96 -3.61 9.04
CA ALA A 107 1.39 -2.22 8.91
C ALA A 107 0.49 -1.25 9.68
N LEU A 108 -0.75 -1.67 9.93
CA LEU A 108 -1.70 -0.80 10.62
C LEU A 108 -1.34 -0.52 12.07
N LYS A 109 -0.52 -1.37 12.68
CA LYS A 109 -0.09 -1.15 14.05
C LYS A 109 0.59 0.21 14.17
N VAL A 110 1.40 0.55 13.19
CA VAL A 110 2.12 1.82 13.20
C VAL A 110 1.34 2.93 12.48
N LEU A 111 0.58 2.56 11.46
CA LEU A 111 -0.16 3.55 10.66
C LEU A 111 -1.41 4.10 11.33
N ARG A 112 -2.05 3.30 12.18
CA ARG A 112 -3.30 3.72 12.81
C ARG A 112 -3.12 4.70 13.97
N THR A 113 -2.68 5.90 13.62
CA THR A 113 -2.49 6.99 14.57
C THR A 113 -2.91 8.27 13.88
N ALA A 114 -3.10 9.33 14.66
CA ALA A 114 -3.51 10.63 14.12
C ALA A 114 -2.51 11.14 13.09
N GLU A 115 -1.22 10.84 13.32
CA GLU A 115 -0.16 11.30 12.43
C GLU A 115 -0.37 10.88 10.99
N PHE A 116 -0.77 9.62 10.78
CA PHE A 116 -0.93 9.10 9.41
C PHE A 116 -2.38 9.03 8.94
N ALA A 117 -3.31 9.07 9.89
CA ALA A 117 -4.76 9.09 9.62
C ALA A 117 -5.20 8.25 8.42
N PRO A 118 -5.06 6.93 8.50
CA PRO A 118 -5.42 6.07 7.36
C PRO A 118 -6.91 5.82 7.15
N PHE A 119 -7.27 5.66 5.88
CA PHE A 119 -8.60 5.22 5.43
C PHE A 119 -8.29 3.83 4.87
N VAL A 120 -8.84 2.79 5.50
CA VAL A 120 -8.47 1.41 5.16
C VAL A 120 -9.52 0.73 4.30
N VAL A 121 -9.13 0.38 3.08
CA VAL A 121 -10.03 -0.28 2.15
C VAL A 121 -9.53 -1.68 1.83
N PHE A 122 -10.40 -2.67 2.02
CA PHE A 122 -10.11 -4.03 1.64
C PHE A 122 -10.59 -4.26 0.20
N ILE A 123 -9.67 -4.65 -0.67
CA ILE A 123 -10.00 -4.96 -2.07
C ILE A 123 -10.11 -6.48 -2.12
N ALA A 124 -11.34 -6.96 -2.24
CA ALA A 124 -11.63 -8.40 -2.18
C ALA A 124 -11.52 -9.06 -3.54
N ALA A 125 -11.17 -10.34 -3.53
CA ALA A 125 -11.08 -11.12 -4.77
C ALA A 125 -12.44 -11.14 -5.46
N PRO A 126 -12.43 -11.18 -6.79
CA PRO A 126 -13.71 -11.20 -7.52
C PRO A 126 -14.56 -12.43 -7.20
N THR A 127 -15.87 -12.22 -7.16
CA THR A 127 -16.84 -13.29 -7.00
C THR A 127 -17.46 -13.65 -8.35
N ILE A 128 -17.28 -12.79 -9.34
CA ILE A 128 -17.80 -13.01 -10.69
C ILE A 128 -16.55 -13.17 -11.55
N THR A 129 -16.32 -14.39 -12.01
CA THR A 129 -15.08 -14.73 -12.69
C THR A 129 -15.24 -15.49 -13.99
N PRO A 130 -16.14 -15.06 -14.88
CA PRO A 130 -16.35 -15.81 -16.13
C PRO A 130 -15.11 -15.83 -17.02
N GLY A 131 -14.23 -14.84 -16.89
CA GLY A 131 -13.06 -14.77 -17.74
C GLY A 131 -11.81 -15.38 -17.15
N LEU A 132 -11.92 -15.95 -15.96
CA LEU A 132 -10.75 -16.47 -15.26
C LEU A 132 -10.80 -17.97 -15.07
N ASN A 133 -9.70 -18.64 -15.40
CA ASN A 133 -9.59 -20.07 -15.20
C ASN A 133 -9.57 -20.34 -13.71
N GLU A 134 -10.20 -21.43 -13.31
CA GLU A 134 -10.20 -21.81 -11.91
C GLU A 134 -8.89 -22.55 -11.61
N ASP A 135 -7.77 -21.90 -11.90
CA ASP A 135 -6.46 -22.50 -11.71
C ASP A 135 -5.87 -22.23 -10.33
N GLU A 136 -4.64 -22.69 -10.12
CA GLU A 136 -3.95 -22.54 -8.84
C GLU A 136 -3.88 -21.09 -8.42
N SER A 137 -3.62 -20.19 -9.37
CA SER A 137 -3.51 -18.77 -9.06
C SER A 137 -4.83 -18.16 -8.56
N LEU A 138 -5.94 -18.47 -9.21
CA LEU A 138 -7.23 -17.93 -8.78
C LEU A 138 -7.67 -18.54 -7.45
N GLN A 139 -7.44 -19.84 -7.30
CA GLN A 139 -7.81 -20.52 -6.06
C GLN A 139 -7.04 -19.95 -4.89
N ARG A 140 -5.74 -19.71 -5.09
CA ARG A 140 -4.93 -19.13 -4.04
C ARG A 140 -5.33 -17.69 -3.76
N LEU A 141 -5.68 -16.93 -4.80
CA LEU A 141 -6.14 -15.56 -4.61
C LEU A 141 -7.40 -15.54 -3.74
N GLN A 142 -8.36 -16.40 -4.08
CA GLN A 142 -9.61 -16.43 -3.32
C GLN A 142 -9.38 -16.92 -1.88
N LYS A 143 -8.50 -17.91 -1.71
CA LYS A 143 -8.15 -18.41 -0.38
C LYS A 143 -7.55 -17.29 0.48
N GLU A 144 -6.55 -16.61 -0.07
CA GLU A 144 -5.86 -15.54 0.65
C GLU A 144 -6.80 -14.39 0.95
N SER A 145 -7.64 -14.03 -0.02
CA SER A 145 -8.61 -12.97 0.19
C SER A 145 -9.57 -13.32 1.33
N ASP A 146 -10.05 -14.55 1.33
CA ASP A 146 -10.97 -14.99 2.39
C ASP A 146 -10.30 -14.99 3.75
N ILE A 147 -9.04 -15.43 3.82
CA ILE A 147 -8.30 -15.41 5.08
C ILE A 147 -8.22 -13.97 5.59
N LEU A 148 -7.86 -13.04 4.71
CA LEU A 148 -7.75 -11.66 5.12
C LEU A 148 -9.08 -11.09 5.58
N GLN A 149 -10.14 -11.38 4.83
CA GLN A 149 -11.47 -10.86 5.14
C GLN A 149 -12.00 -11.32 6.48
N ARG A 150 -11.84 -12.60 6.79
CA ARG A 150 -12.39 -13.10 8.05
C ARG A 150 -11.48 -12.86 9.26
N THR A 151 -10.23 -12.50 9.02
CA THR A 151 -9.29 -12.30 10.11
C THR A 151 -9.19 -10.84 10.54
N TYR A 152 -9.14 -9.93 9.56
CA TYR A 152 -8.82 -8.52 9.85
C TYR A 152 -9.94 -7.53 9.66
N ALA A 153 -11.18 -8.04 9.53
CA ALA A 153 -12.32 -7.18 9.24
C ALA A 153 -12.55 -6.02 10.22
N HIS A 154 -12.14 -6.18 11.47
CA HIS A 154 -12.26 -5.10 12.45
C HIS A 154 -11.63 -3.81 11.93
N TYR A 155 -10.58 -3.95 11.13
CA TYR A 155 -9.80 -2.81 10.71
C TYR A 155 -10.24 -2.17 9.39
N PHE A 156 -11.23 -2.75 8.71
CA PHE A 156 -11.64 -2.21 7.41
C PHE A 156 -12.62 -1.06 7.58
N ASP A 157 -12.41 0.01 6.83
CA ASP A 157 -13.39 1.09 6.75
C ASP A 157 -14.35 0.87 5.59
N LEU A 158 -13.89 0.14 4.58
CA LEU A 158 -14.69 -0.09 3.38
C LEU A 158 -14.17 -1.37 2.72
N THR A 159 -15.08 -2.15 2.13
CA THR A 159 -14.70 -3.32 1.34
C THR A 159 -15.24 -3.13 -0.07
N ILE A 160 -14.41 -3.40 -1.08
CA ILE A 160 -14.84 -3.38 -2.47
C ILE A 160 -14.47 -4.72 -3.10
N ILE A 161 -15.45 -5.45 -3.64
CA ILE A 161 -15.18 -6.68 -4.36
C ILE A 161 -14.71 -6.30 -5.76
N ASN A 162 -13.53 -6.75 -6.15
CA ASN A 162 -12.93 -6.31 -7.42
C ASN A 162 -13.40 -7.08 -8.64
N ASN A 163 -14.70 -7.06 -8.89
CA ASN A 163 -15.29 -7.69 -10.07
C ASN A 163 -15.08 -6.91 -11.37
N GLU A 164 -15.09 -5.59 -11.27
CA GLU A 164 -14.88 -4.71 -12.42
C GLU A 164 -13.84 -3.71 -11.97
N ILE A 165 -12.62 -3.82 -12.47
CA ILE A 165 -11.54 -3.03 -11.88
C ILE A 165 -11.70 -1.53 -12.13
N ASP A 166 -12.33 -1.16 -13.24
CA ASP A 166 -12.61 0.25 -13.46
C ASP A 166 -13.61 0.82 -12.47
N GLU A 167 -14.61 0.01 -12.11
CA GLU A 167 -15.55 0.40 -11.09
C GLU A 167 -14.90 0.53 -9.72
N THR A 168 -13.97 -0.38 -9.42
CA THR A 168 -13.25 -0.31 -8.16
C THR A 168 -12.52 1.01 -8.05
N ILE A 169 -11.85 1.40 -9.13
CA ILE A 169 -11.15 2.68 -9.17
C ILE A 169 -12.10 3.86 -8.97
N ARG A 170 -13.24 3.84 -9.68
CA ARG A 170 -14.23 4.89 -9.51
C ARG A 170 -14.74 4.98 -8.07
N HIS A 171 -15.02 3.84 -7.47
CA HIS A 171 -15.52 3.82 -6.10
C HIS A 171 -14.47 4.41 -5.14
N LEU A 172 -13.20 4.07 -5.35
CA LEU A 172 -12.13 4.63 -4.52
C LEU A 172 -12.05 6.15 -4.69
N GLU A 173 -12.15 6.63 -5.94
CA GLU A 173 -12.14 8.07 -6.17
C GLU A 173 -13.27 8.76 -5.43
N GLU A 174 -14.46 8.19 -5.50
CA GLU A 174 -15.60 8.81 -4.85
C GLU A 174 -15.46 8.76 -3.33
N ALA A 175 -14.98 7.64 -2.80
CA ALA A 175 -14.82 7.52 -1.36
C ALA A 175 -13.78 8.51 -0.85
N VAL A 176 -12.65 8.63 -1.55
CA VAL A 176 -11.60 9.56 -1.15
C VAL A 176 -12.11 11.00 -1.20
N GLU A 177 -12.86 11.34 -2.25
CA GLU A 177 -13.41 12.69 -2.37
C GLU A 177 -14.25 13.05 -1.13
N LEU A 178 -14.99 12.07 -0.63
CA LEU A 178 -15.85 12.28 0.53
C LEU A 178 -15.12 12.27 1.87
N VAL A 179 -14.33 11.22 2.11
CA VAL A 179 -13.75 10.99 3.44
C VAL A 179 -12.40 11.64 3.73
N CYS A 180 -11.61 11.89 2.70
CA CYS A 180 -10.30 12.49 2.89
C CYS A 180 -10.39 14.01 2.77
C FMT B . 9.33 -3.13 1.78
O1 FMT B . 9.16 -2.32 0.87
O2 FMT B . 9.26 -4.35 1.65
C FMT C . 1.87 11.69 -21.08
O1 FMT C . 3.03 11.39 -20.80
O2 FMT C . 1.01 11.98 -20.25
C FMT D . 1.14 18.01 -12.04
O1 FMT D . 0.98 18.34 -10.86
O2 FMT D . 0.68 16.99 -12.54
C FMT E . 6.47 11.83 -3.01
O1 FMT E . 7.18 12.37 -2.16
O2 FMT E . 6.43 10.61 -3.19
C FMT F . -6.71 -14.23 -11.08
O1 FMT F . -6.87 -13.02 -11.23
O2 FMT F . -5.87 -14.72 -10.31
#